data_4AUP
#
_entry.id   4AUP
#
_cell.length_a   34.498
_cell.length_b   66.837
_cell.length_c   117.384
_cell.angle_alpha   90.00
_cell.angle_beta   90.00
_cell.angle_gamma   90.00
#
_symmetry.space_group_name_H-M   'P 21 21 21'
#
loop_
_entity.id
_entity.type
_entity.pdbx_description
1 polymer 'PHOSPHOLIPASE A2 GROUP XIII'
2 non-polymer 'ACETATE ION'
3 non-polymer 'THIOCYANATE ION'
4 water water
#
_entity_poly.entity_id   1
_entity_poly.type   'polypeptide(L)'
_entity_poly.pdbx_seq_one_letter_code
;AALSPVSDTDRLLYSTAMPAFLTAKRNKNPGNLDWSDDGCSKSPDRPAGFNFLDSCKRHDFGYRNYKKQHRFTEANRKRI
DDNFKKDLYNECAKYSGLESWKGVACRKIANTYYDAVRTFGWL
;
_entity_poly.pdbx_strand_id   A,B
#
loop_
_chem_comp.id
_chem_comp.type
_chem_comp.name
_chem_comp.formula
ACT non-polymer 'ACETATE ION' 'C2 H3 O2 -1'
SCN non-polymer 'THIOCYANATE ION' 'C N S -1'
#
# COMPACT_ATOMS: atom_id res chain seq x y z
N SER A 4 14.43 4.24 9.23
CA SER A 4 15.02 3.10 9.99
C SER A 4 14.73 1.82 9.18
N PRO A 5 15.78 1.03 8.91
CA PRO A 5 15.56 -0.16 8.11
C PRO A 5 14.68 -1.19 8.81
N VAL A 6 14.79 -1.29 10.13
CA VAL A 6 14.04 -2.26 10.94
C VAL A 6 12.58 -1.87 11.22
N SER A 7 12.30 -0.58 11.47
CA SER A 7 10.93 -0.10 11.71
C SER A 7 10.10 -0.19 10.42
N ASP A 8 10.71 0.09 9.27
CA ASP A 8 10.05 -0.04 7.98
C ASP A 8 9.83 -1.54 7.60
N THR A 9 10.79 -2.42 7.93
CA THR A 9 10.63 -3.87 7.62
C THR A 9 9.48 -4.41 8.41
N ASP A 10 9.39 -4.08 9.70
CA ASP A 10 8.33 -4.58 10.55
C ASP A 10 6.97 -3.99 10.22
N ARG A 11 6.93 -2.71 9.83
CA ARG A 11 5.69 -2.11 9.38
C ARG A 11 5.15 -2.85 8.16
N LEU A 12 6.04 -3.12 7.21
CA LEU A 12 5.66 -3.74 5.96
C LEU A 12 5.30 -5.23 6.14
N LEU A 13 6.02 -5.89 7.06
CA LEU A 13 5.78 -7.30 7.40
C LEU A 13 4.44 -7.50 8.17
N TYR A 14 4.27 -6.83 9.32
CA TYR A 14 3.21 -7.12 10.31
C TYR A 14 1.98 -6.19 10.36
N SER A 15 2.10 -4.99 9.79
CA SER A 15 1.03 -3.98 9.91
C SER A 15 0.69 -3.32 8.57
N THR A 16 0.68 -4.13 7.50
CA THR A 16 0.39 -3.62 6.15
C THR A 16 -0.41 -4.66 5.41
N ALA A 17 -1.57 -4.26 4.91
CA ALA A 17 -2.42 -5.21 4.19
C ALA A 17 -1.66 -5.64 2.93
N MET A 18 -1.86 -6.90 2.52
CA MET A 18 -1.20 -7.44 1.33
C MET A 18 -1.17 -6.53 0.06
N PRO A 19 -2.33 -5.98 -0.44
CA PRO A 19 -2.20 -5.09 -1.59
C PRO A 19 -1.16 -3.97 -1.45
N ALA A 20 -1.11 -3.35 -0.26
CA ALA A 20 -0.19 -2.22 -0.04
C ALA A 20 1.24 -2.78 0.00
N PHE A 21 1.44 -4.03 0.53
CA PHE A 21 2.80 -4.67 0.61
C PHE A 21 3.25 -4.92 -0.84
N LEU A 22 2.36 -5.44 -1.67
CA LEU A 22 2.71 -5.72 -3.09
C LEU A 22 3.04 -4.44 -3.87
N THR A 23 2.35 -3.35 -3.52
CA THR A 23 2.61 -2.06 -4.15
C THR A 23 4.02 -1.59 -3.76
N ALA A 24 4.36 -1.65 -2.46
CA ALA A 24 5.68 -1.28 -1.95
C ALA A 24 6.78 -2.11 -2.64
N LYS A 25 6.55 -3.41 -2.75
CA LYS A 25 7.37 -4.36 -3.52
C LYS A 25 7.61 -3.97 -4.99
N ARG A 26 6.52 -3.82 -5.73
CA ARG A 26 6.53 -3.41 -7.15
C ARG A 26 7.31 -2.10 -7.33
N ASN A 27 7.16 -1.16 -6.39
CA ASN A 27 7.89 0.10 -6.44
C ASN A 27 9.26 0.05 -5.82
N LYS A 28 9.61 -1.08 -5.21
CA LYS A 28 10.83 -1.22 -4.38
C LYS A 28 11.00 -0.06 -3.40
N ASN A 29 9.97 0.19 -2.58
CA ASN A 29 9.95 1.35 -1.65
C ASN A 29 9.75 0.94 -0.19
N PRO A 30 10.75 1.19 0.66
CA PRO A 30 11.96 1.98 0.44
C PRO A 30 13.13 1.16 -0.18
N GLY A 31 13.76 1.76 -1.20
CA GLY A 31 14.90 1.17 -1.96
C GLY A 31 16.05 0.48 -1.23
N ASN A 32 16.25 0.83 0.05
CA ASN A 32 17.35 0.30 0.89
C ASN A 32 17.24 -1.17 1.29
N LEU A 33 16.05 -1.73 1.18
CA LEU A 33 15.91 -3.13 1.59
C LEU A 33 15.76 -4.13 0.43
N ASP A 34 15.81 -5.41 0.77
CA ASP A 34 15.84 -6.49 -0.19
C ASP A 34 14.41 -6.82 -0.63
N TRP A 35 14.12 -6.55 -1.90
CA TRP A 35 12.81 -6.82 -2.51
C TRP A 35 12.76 -8.02 -3.44
N SER A 36 13.83 -8.81 -3.46
CA SER A 36 13.92 -9.97 -4.36
C SER A 36 13.25 -11.18 -3.72
N ASP A 37 12.74 -12.07 -4.57
CA ASP A 37 12.10 -13.28 -4.09
C ASP A 37 12.23 -14.43 -5.10
N ASP A 38 12.13 -15.67 -4.57
CA ASP A 38 12.06 -16.87 -5.36
C ASP A 38 10.64 -17.47 -5.22
N GLY A 39 9.68 -16.59 -5.00
CA GLY A 39 8.29 -16.97 -4.70
C GLY A 39 8.16 -17.91 -3.52
N CYS A 40 7.35 -18.95 -3.67
CA CYS A 40 7.31 -20.05 -2.67
C CYS A 40 8.52 -20.91 -3.04
N SER A 41 9.55 -20.90 -2.19
CA SER A 41 10.92 -21.36 -2.55
C SER A 41 11.02 -22.84 -3.00
N LYS A 42 10.63 -23.12 -4.26
CA LYS A 42 10.04 -24.42 -4.70
C LYS A 42 9.19 -25.28 -3.71
N SER A 43 7.93 -24.94 -3.83
CA SER A 43 6.71 -25.64 -3.52
C SER A 43 5.93 -24.77 -4.54
N PRO A 44 4.94 -25.32 -5.25
CA PRO A 44 4.26 -24.45 -6.22
C PRO A 44 3.73 -23.13 -5.60
N ASP A 45 3.73 -22.10 -6.45
CA ASP A 45 3.23 -20.79 -6.10
C ASP A 45 1.72 -20.81 -5.98
N ARG A 46 1.06 -21.71 -6.72
CA ARG A 46 -0.41 -21.81 -6.72
C ARG A 46 -0.86 -23.26 -6.45
N PRO A 47 -0.64 -23.79 -5.21
CA PRO A 47 -1.02 -25.20 -4.97
C PRO A 47 -2.53 -25.37 -5.02
N ALA A 48 -2.99 -26.37 -5.78
CA ALA A 48 -4.44 -26.60 -6.08
C ALA A 48 -5.13 -25.37 -6.67
N GLY A 49 -4.32 -24.51 -7.28
CA GLY A 49 -4.76 -23.25 -7.85
C GLY A 49 -4.97 -22.08 -6.92
N PHE A 50 -4.57 -22.22 -5.64
CA PHE A 50 -4.70 -21.11 -4.66
C PHE A 50 -3.50 -20.21 -4.74
N ASN A 51 -3.72 -18.90 -4.70
CA ASN A 51 -2.62 -17.93 -4.71
C ASN A 51 -1.91 -17.85 -3.33
N PHE A 52 -0.78 -18.55 -3.24
CA PHE A 52 0.08 -18.56 -2.03
C PHE A 52 1.30 -17.69 -2.36
N LEU A 53 1.48 -17.29 -3.63
CA LEU A 53 2.67 -16.51 -4.04
C LEU A 53 2.78 -15.16 -3.29
N ASP A 54 1.68 -14.42 -3.12
CA ASP A 54 1.78 -13.12 -2.40
C ASP A 54 2.29 -13.30 -0.96
N SER A 55 1.79 -14.31 -0.25
CA SER A 55 2.20 -14.68 1.10
C SER A 55 3.69 -15.13 1.12
N CYS A 56 4.07 -15.89 0.13
CA CYS A 56 5.46 -16.32 -0.02
C CYS A 56 6.36 -15.12 -0.27
N LYS A 57 5.92 -14.21 -1.13
CA LYS A 57 6.69 -12.99 -1.40
C LYS A 57 6.99 -12.23 -0.09
N ARG A 58 5.96 -12.10 0.75
CA ARG A 58 6.10 -11.43 2.04
C ARG A 58 6.94 -12.25 3.00
N HIS A 59 6.76 -13.58 2.97
CA HIS A 59 7.60 -14.46 3.79
C HIS A 59 9.09 -14.37 3.39
N ASP A 60 9.36 -14.33 2.07
CA ASP A 60 10.75 -14.15 1.53
C ASP A 60 11.32 -12.75 1.96
N PHE A 61 10.48 -11.70 1.90
CA PHE A 61 10.80 -10.35 2.40
C PHE A 61 11.25 -10.38 3.85
N GLY A 62 10.55 -11.15 4.66
CA GLY A 62 10.87 -11.23 6.06
C GLY A 62 12.19 -11.98 6.31
N TYR A 63 12.35 -13.16 5.68
CA TYR A 63 13.61 -13.94 5.72
C TYR A 63 14.84 -13.16 5.19
N ARG A 64 14.78 -12.72 3.93
CA ARG A 64 15.85 -11.97 3.28
C ARG A 64 16.25 -10.69 4.00
N ASN A 65 15.27 -9.94 4.55
CA ASN A 65 15.60 -8.71 5.26
C ASN A 65 16.07 -8.92 6.68
N TYR A 66 15.57 -9.92 7.37
CA TYR A 66 16.06 -10.22 8.71
C TYR A 66 17.49 -10.79 8.65
N LYS A 67 17.82 -11.56 7.59
CA LYS A 67 19.19 -12.10 7.34
C LYS A 67 20.15 -10.96 6.99
N LYS A 68 19.77 -10.06 6.06
CA LYS A 68 20.60 -8.90 5.70
C LYS A 68 20.74 -7.96 6.90
N GLN A 69 19.70 -7.91 7.74
CA GLN A 69 19.72 -7.18 9.02
C GLN A 69 20.40 -8.05 10.07
N HIS A 70 20.40 -7.61 11.32
CA HIS A 70 21.14 -8.34 12.37
C HIS A 70 20.45 -9.51 13.07
N ARG A 71 19.20 -9.82 12.71
CA ARG A 71 18.26 -10.51 13.59
C ARG A 71 17.56 -11.80 13.12
N PHE A 72 18.15 -12.61 12.23
CA PHE A 72 17.48 -13.85 11.79
C PHE A 72 17.64 -15.00 12.79
N THR A 73 17.16 -14.77 13.99
CA THR A 73 17.21 -15.77 15.05
C THR A 73 16.10 -16.77 14.88
N GLU A 74 16.13 -17.86 15.66
CA GLU A 74 15.03 -18.82 15.62
C GLU A 74 13.68 -18.21 16.09
N ALA A 75 13.67 -17.44 17.18
CA ALA A 75 12.44 -16.79 17.63
C ALA A 75 11.90 -15.75 16.62
N ASN A 76 12.76 -15.00 15.95
CA ASN A 76 12.28 -14.09 14.89
C ASN A 76 11.79 -14.84 13.66
N ARG A 77 12.47 -15.95 13.29
CA ARG A 77 12.04 -16.81 12.20
C ARG A 77 10.60 -17.31 12.40
N LYS A 78 10.23 -17.63 13.64
CA LYS A 78 8.87 -18.11 13.95
C LYS A 78 7.83 -17.01 13.83
N ARG A 79 8.18 -15.77 14.24
CA ARG A 79 7.28 -14.64 14.13
C ARG A 79 6.97 -14.44 12.64
N ILE A 80 8.00 -14.54 11.79
CA ILE A 80 7.87 -14.40 10.31
C ILE A 80 7.07 -15.58 9.73
N ASP A 81 7.31 -16.80 10.24
CA ASP A 81 6.52 -17.98 9.80
C ASP A 81 5.03 -17.87 10.21
N ASP A 82 4.78 -17.37 11.43
CA ASP A 82 3.40 -17.21 11.92
C ASP A 82 2.65 -16.14 11.05
N ASN A 83 3.34 -15.06 10.71
CA ASN A 83 2.79 -14.03 9.82
C ASN A 83 2.48 -14.59 8.42
N PHE A 84 3.27 -15.60 8.02
CA PHE A 84 3.05 -16.31 6.76
C PHE A 84 1.73 -17.13 6.84
N LYS A 85 1.49 -17.90 7.91
CA LYS A 85 0.20 -18.61 8.03
C LYS A 85 -0.97 -17.60 8.09
N LYS A 86 -0.76 -16.44 8.76
CA LYS A 86 -1.76 -15.37 8.76
C LYS A 86 -2.14 -14.89 7.38
N ASP A 87 -1.12 -14.62 6.58
CA ASP A 87 -1.22 -14.15 5.19
C ASP A 87 -1.91 -15.22 4.33
N LEU A 88 -1.50 -16.47 4.52
CA LEU A 88 -2.13 -17.58 3.77
C LEU A 88 -3.60 -17.72 4.15
N TYR A 89 -3.91 -17.66 5.45
CA TYR A 89 -5.32 -17.75 5.91
C TYR A 89 -6.14 -16.56 5.38
N ASN A 90 -5.52 -15.39 5.17
CA ASN A 90 -6.25 -14.23 4.62
C ASN A 90 -6.66 -14.51 3.22
N GLU A 91 -5.77 -15.15 2.47
CA GLU A 91 -6.09 -15.51 1.10
C GLU A 91 -7.20 -16.55 1.03
N CYS A 92 -7.11 -17.59 1.85
CA CYS A 92 -8.12 -18.66 1.92
C CYS A 92 -9.52 -18.12 2.28
N ALA A 93 -9.58 -17.14 3.20
CA ALA A 93 -10.84 -16.50 3.60
C ALA A 93 -11.55 -15.72 2.49
N LYS A 94 -10.96 -15.62 1.31
CA LYS A 94 -11.55 -14.95 0.15
C LYS A 94 -12.49 -15.85 -0.62
N TYR A 95 -12.73 -17.05 -0.10
CA TYR A 95 -13.67 -17.99 -0.74
C TYR A 95 -14.97 -18.02 0.03
N SER A 96 -16.05 -17.53 -0.62
CA SER A 96 -17.40 -17.50 -0.06
C SER A 96 -18.47 -18.00 -1.08
N GLY A 97 -19.50 -18.71 -0.62
CA GLY A 97 -19.62 -19.19 0.76
C GLY A 97 -20.65 -20.30 0.95
N LEU A 98 -20.78 -21.34 0.10
CA LEU A 98 -19.94 -21.78 -1.08
C LEU A 98 -18.40 -21.82 -0.86
N GLU A 99 -17.68 -22.33 -1.85
CA GLU A 99 -16.29 -22.72 -1.73
C GLU A 99 -15.88 -22.87 -0.27
N SER A 100 -16.66 -23.78 0.32
CA SER A 100 -16.79 -24.16 1.72
C SER A 100 -15.63 -24.92 2.32
N TRP A 101 -14.99 -25.94 1.70
CA TRP A 101 -14.77 -26.36 0.29
C TRP A 101 -13.47 -25.73 -0.19
N LYS A 102 -13.47 -24.65 -0.95
CA LYS A 102 -12.21 -24.05 -1.35
C LYS A 102 -11.49 -23.48 -0.13
N GLY A 103 -12.21 -22.80 0.76
CA GLY A 103 -11.67 -22.17 1.97
C GLY A 103 -11.06 -23.17 2.92
N VAL A 104 -11.81 -24.25 3.19
CA VAL A 104 -11.32 -25.37 4.01
C VAL A 104 -10.15 -26.10 3.33
N ALA A 105 -10.21 -26.36 2.02
CA ALA A 105 -9.05 -27.01 1.35
C ALA A 105 -7.82 -26.11 1.31
N CYS A 106 -8.04 -24.84 1.03
CA CYS A 106 -6.96 -23.86 1.01
C CYS A 106 -6.26 -23.81 2.39
N ARG A 107 -7.04 -23.79 3.49
CA ARG A 107 -6.46 -23.76 4.86
C ARG A 107 -5.65 -24.99 5.27
N LYS A 108 -6.08 -26.15 4.77
CA LYS A 108 -5.40 -27.41 5.03
C LYS A 108 -4.03 -27.39 4.33
N ILE A 109 -3.97 -26.90 3.09
CA ILE A 109 -2.71 -26.77 2.34
C ILE A 109 -1.87 -25.65 2.97
N ALA A 110 -2.53 -24.55 3.38
CA ALA A 110 -1.77 -23.50 4.12
C ALA A 110 -1.09 -24.09 5.37
N ASN A 111 -1.74 -25.00 6.06
CA ASN A 111 -1.12 -25.63 7.25
C ASN A 111 0.16 -26.43 6.91
N THR A 112 0.12 -27.12 5.79
CA THR A 112 1.24 -27.87 5.25
C THR A 112 2.40 -27.02 4.79
N TYR A 113 2.09 -25.91 4.14
CA TYR A 113 3.11 -24.90 3.79
C TYR A 113 3.76 -24.31 5.02
N TYR A 114 2.94 -24.04 6.01
CA TYR A 114 3.44 -23.49 7.27
C TYR A 114 4.33 -24.51 8.00
N ASP A 115 3.83 -25.76 8.12
CA ASP A 115 4.61 -26.85 8.74
C ASP A 115 5.99 -27.02 8.10
N ALA A 116 6.04 -26.92 6.76
CA ALA A 116 7.25 -27.00 5.97
C ALA A 116 8.29 -25.93 6.24
N VAL A 117 7.85 -24.66 6.32
CA VAL A 117 8.74 -23.54 6.70
C VAL A 117 9.22 -23.69 8.13
N ARG A 118 8.35 -24.13 9.06
CA ARG A 118 8.80 -24.40 10.47
C ARG A 118 9.97 -25.41 10.55
N THR A 119 9.83 -26.50 9.81
CA THR A 119 10.79 -27.58 9.75
C THR A 119 12.09 -27.20 8.98
N PHE A 120 11.96 -26.61 7.78
CA PHE A 120 13.15 -26.48 6.88
C PHE A 120 13.68 -25.09 6.62
N GLY A 121 13.01 -24.07 7.17
CA GLY A 121 13.32 -22.67 6.89
C GLY A 121 14.69 -22.18 7.33
N TRP A 122 15.26 -22.85 8.35
CA TRP A 122 16.64 -22.54 8.85
C TRP A 122 17.72 -22.79 7.79
N LEU A 123 17.36 -23.48 6.70
CA LEU A 123 18.24 -23.69 5.55
C LEU A 123 18.06 -22.52 4.56
N ALA B 1 6.84 -0.30 18.61
CA ALA B 1 5.38 -0.16 18.30
C ALA B 1 4.84 1.28 18.59
N ALA B 2 5.78 2.22 18.68
CA ALA B 2 5.52 3.63 18.83
C ALA B 2 4.59 4.22 17.75
N LEU B 3 3.66 5.10 18.17
CA LEU B 3 2.75 5.79 17.28
C LEU B 3 3.47 7.06 16.82
N SER B 4 3.46 7.31 15.52
CA SER B 4 4.14 8.47 14.93
C SER B 4 3.17 9.10 13.91
N PRO B 5 2.17 9.82 14.41
CA PRO B 5 1.09 10.29 13.49
C PRO B 5 1.56 11.31 12.42
N VAL B 6 2.52 12.21 12.74
CA VAL B 6 3.09 13.16 11.77
C VAL B 6 3.94 12.45 10.70
N SER B 7 4.81 11.52 11.13
CA SER B 7 5.68 10.76 10.25
C SER B 7 4.85 9.86 9.27
N ASP B 8 3.79 9.23 9.80
CA ASP B 8 2.95 8.34 9.00
C ASP B 8 2.16 9.17 8.00
N THR B 9 1.65 10.36 8.41
CA THR B 9 0.90 11.28 7.47
C THR B 9 1.80 11.61 6.31
N ASP B 10 3.06 11.97 6.62
CA ASP B 10 4.00 12.38 5.57
C ASP B 10 4.47 11.21 4.71
N ARG B 11 4.53 10.03 5.33
CA ARG B 11 4.82 8.82 4.51
C ARG B 11 3.72 8.60 3.53
N LEU B 12 2.49 8.68 4.03
CA LEU B 12 1.33 8.35 3.18
C LEU B 12 1.14 9.38 2.06
N LEU B 13 1.43 10.63 2.36
CA LEU B 13 1.35 11.72 1.38
C LEU B 13 2.37 11.71 0.28
N TYR B 14 3.66 11.65 0.64
CA TYR B 14 4.76 11.90 -0.27
C TYR B 14 5.66 10.73 -0.64
N SER B 15 5.52 9.60 0.04
CA SER B 15 6.40 8.47 -0.22
C SER B 15 5.59 7.19 -0.33
N THR B 16 4.44 7.27 -1.00
CA THR B 16 3.51 6.11 -1.07
C THR B 16 2.82 6.22 -2.42
N ALA B 17 2.89 5.13 -3.21
CA ALA B 17 2.28 5.19 -4.53
C ALA B 17 0.77 5.12 -4.30
N MET B 18 0.02 5.74 -5.20
CA MET B 18 -1.46 5.85 -5.04
C MET B 18 -2.14 4.53 -4.60
N PRO B 19 -1.92 3.38 -5.30
CA PRO B 19 -2.64 2.17 -4.87
C PRO B 19 -2.38 1.84 -3.39
N ALA B 20 -1.15 2.00 -2.90
CA ALA B 20 -0.90 1.73 -1.47
C ALA B 20 -1.65 2.73 -0.58
N PHE B 21 -1.77 3.99 -1.04
CA PHE B 21 -2.42 5.00 -0.24
C PHE B 21 -3.94 4.66 -0.18
N LEU B 22 -4.52 4.18 -1.28
CA LEU B 22 -6.00 3.83 -1.29
C LEU B 22 -6.21 2.55 -0.47
N THR B 23 -5.19 1.68 -0.38
CA THR B 23 -5.31 0.43 0.46
C THR B 23 -5.24 0.83 1.96
N ALA B 24 -4.28 1.70 2.32
CA ALA B 24 -4.23 2.27 3.69
C ALA B 24 -5.59 2.95 4.06
N LYS B 25 -6.12 3.79 3.15
CA LYS B 25 -7.41 4.47 3.35
C LYS B 25 -8.55 3.53 3.60
N ARG B 26 -8.72 2.54 2.71
CA ARG B 26 -9.76 1.53 2.82
C ARG B 26 -9.67 0.80 4.17
N ASN B 27 -8.44 0.55 4.61
CA ASN B 27 -8.16 -0.10 5.89
C ASN B 27 -8.10 0.79 7.10
N LYS B 28 -8.12 2.13 6.90
CA LYS B 28 -8.03 3.09 8.00
C LYS B 28 -6.76 2.79 8.81
N ASN B 29 -5.63 2.71 8.08
CA ASN B 29 -4.37 2.24 8.68
C ASN B 29 -3.30 3.34 8.49
N PRO B 30 -2.91 4.05 9.58
CA PRO B 30 -3.30 3.85 10.98
C PRO B 30 -4.67 4.48 11.38
N GLY B 31 -5.37 3.85 12.31
CA GLY B 31 -6.72 4.36 12.65
C GLY B 31 -6.80 5.70 13.38
N ASN B 32 -5.67 6.19 13.91
CA ASN B 32 -5.63 7.42 14.73
C ASN B 32 -5.52 8.66 13.83
N LEU B 33 -5.44 8.46 12.51
CA LEU B 33 -5.46 9.58 11.56
C LEU B 33 -6.85 9.89 11.05
N ASP B 34 -7.06 11.06 10.45
CA ASP B 34 -8.36 11.39 9.87
C ASP B 34 -8.39 10.87 8.43
N TRP B 35 -9.25 9.88 8.19
CA TRP B 35 -9.42 9.29 6.87
C TRP B 35 -10.69 9.78 6.15
N SER B 36 -11.40 10.77 6.71
CA SER B 36 -12.63 11.30 6.06
C SER B 36 -12.31 12.18 4.85
N ASP B 37 -13.16 12.12 3.83
CA ASP B 37 -12.98 12.99 2.70
C ASP B 37 -14.25 13.44 2.11
N ASP B 38 -14.19 14.52 1.34
CA ASP B 38 -15.39 14.98 0.57
C ASP B 38 -15.08 14.98 -0.94
N GLY B 39 -14.18 14.09 -1.36
CA GLY B 39 -13.68 14.03 -2.73
C GLY B 39 -13.09 15.36 -3.21
N CYS B 40 -13.40 15.77 -4.43
CA CYS B 40 -12.94 17.05 -4.98
C CYS B 40 -13.82 18.23 -4.55
N SER B 41 -14.38 18.11 -3.35
CA SER B 41 -15.21 19.13 -2.63
C SER B 41 -16.20 19.93 -3.45
N LYS B 42 -15.70 21.01 -4.06
CA LYS B 42 -16.44 21.96 -4.90
C LYS B 42 -16.81 21.40 -6.29
N SER B 43 -15.81 20.84 -6.97
CA SER B 43 -15.82 20.41 -8.37
C SER B 43 -16.22 18.92 -8.58
N PRO B 44 -16.58 18.53 -9.83
CA PRO B 44 -16.83 17.09 -10.09
C PRO B 44 -15.61 16.19 -9.77
N ASP B 45 -15.90 15.01 -9.22
CA ASP B 45 -14.91 13.99 -8.87
C ASP B 45 -14.31 13.33 -10.09
N ARG B 46 -15.07 13.23 -11.16
CA ARG B 46 -14.61 12.60 -12.36
C ARG B 46 -14.85 13.49 -13.59
N PRO B 47 -14.09 14.60 -13.74
CA PRO B 47 -14.33 15.52 -14.85
C PRO B 47 -14.03 14.84 -16.20
N ALA B 48 -15.02 14.86 -17.10
CA ALA B 48 -14.95 14.17 -18.44
C ALA B 48 -14.55 12.69 -18.35
N GLY B 49 -14.82 12.06 -17.20
CA GLY B 49 -14.55 10.65 -16.99
C GLY B 49 -13.17 10.36 -16.38
N PHE B 50 -12.37 11.40 -16.25
CA PHE B 50 -11.03 11.23 -15.65
C PHE B 50 -11.15 10.97 -14.18
N ASN B 51 -10.39 9.99 -13.69
CA ASN B 51 -10.43 9.68 -12.28
C ASN B 51 -9.54 10.67 -11.51
N PHE B 52 -10.17 11.73 -11.00
CA PHE B 52 -9.50 12.76 -10.17
C PHE B 52 -9.82 12.48 -8.71
N LEU B 53 -10.78 11.56 -8.49
CA LEU B 53 -11.25 11.25 -7.12
C LEU B 53 -10.10 10.82 -6.17
N ASP B 54 -9.28 9.91 -6.69
CA ASP B 54 -8.19 9.34 -5.89
C ASP B 54 -7.19 10.43 -5.49
N SER B 55 -6.77 11.28 -6.45
CA SER B 55 -5.90 12.42 -6.13
C SER B 55 -6.51 13.34 -5.09
N CYS B 56 -7.81 13.63 -5.25
CA CYS B 56 -8.49 14.46 -4.30
C CYS B 56 -8.59 13.82 -2.91
N LYS B 57 -8.80 12.51 -2.84
CA LYS B 57 -8.81 11.84 -1.54
C LYS B 57 -7.52 12.03 -0.80
N ARG B 58 -6.41 11.82 -1.50
CA ARG B 58 -5.10 12.07 -0.90
C ARG B 58 -4.91 13.57 -0.53
N HIS B 59 -5.39 14.48 -1.40
CA HIS B 59 -5.27 15.95 -1.15
C HIS B 59 -6.01 16.30 0.13
N ASP B 60 -7.23 15.76 0.28
CA ASP B 60 -8.07 15.98 1.48
C ASP B 60 -7.42 15.43 2.76
N PHE B 61 -6.82 14.25 2.65
CA PHE B 61 -6.00 13.62 3.73
C PHE B 61 -4.93 14.58 4.18
N GLY B 62 -4.26 15.22 3.22
CA GLY B 62 -3.17 16.20 3.53
C GLY B 62 -3.77 17.39 4.31
N TYR B 63 -4.82 18.01 3.76
CA TYR B 63 -5.49 19.17 4.40
C TYR B 63 -6.06 18.86 5.80
N ARG B 64 -6.75 17.73 5.96
CA ARG B 64 -7.45 17.39 7.24
C ARG B 64 -6.46 17.02 8.34
N ASN B 65 -5.45 16.25 7.99
CA ASN B 65 -4.49 15.82 8.95
C ASN B 65 -3.55 16.95 9.34
N TYR B 66 -3.03 17.72 8.37
CA TYR B 66 -2.24 18.90 8.74
C TYR B 66 -3.03 19.91 9.62
N LYS B 67 -4.32 20.09 9.34
CA LYS B 67 -5.14 20.97 10.17
C LYS B 67 -5.32 20.45 11.62
N LYS B 68 -5.59 19.16 11.73
CA LYS B 68 -5.68 18.51 13.06
C LYS B 68 -4.35 18.52 13.76
N GLN B 69 -3.26 18.37 13.00
CA GLN B 69 -1.90 18.46 13.61
C GLN B 69 -1.33 19.88 13.80
N HIS B 70 -2.19 20.88 13.57
CA HIS B 70 -1.80 22.30 13.70
C HIS B 70 -0.58 22.72 12.94
N ARG B 71 -0.41 22.19 11.71
CA ARG B 71 0.71 22.60 10.86
C ARG B 71 0.25 22.95 9.44
N PHE B 72 -1.06 23.30 9.29
CA PHE B 72 -1.57 23.79 8.02
C PHE B 72 -1.12 25.23 7.70
N THR B 73 0.19 25.42 7.56
CA THR B 73 0.77 26.65 7.07
C THR B 73 0.67 26.74 5.54
N GLU B 74 0.88 27.94 5.01
CA GLU B 74 0.88 28.12 3.54
C GLU B 74 2.00 27.33 2.85
N ALA B 75 3.18 27.29 3.46
CA ALA B 75 4.34 26.50 2.94
C ALA B 75 3.98 25.02 2.92
N ASN B 76 3.33 24.53 3.99
CA ASN B 76 2.85 23.11 3.96
C ASN B 76 1.67 22.89 2.99
N ARG B 77 0.73 23.85 2.92
CA ARG B 77 -0.40 23.74 1.96
C ARG B 77 0.11 23.70 0.50
N LYS B 78 1.15 24.46 0.20
CA LYS B 78 1.77 24.40 -1.17
C LYS B 78 2.36 22.99 -1.46
N ARG B 79 3.01 22.41 -0.45
CA ARG B 79 3.54 21.04 -0.56
C ARG B 79 2.43 20.02 -0.88
N ILE B 80 1.31 20.11 -0.15
CA ILE B 80 0.17 19.20 -0.36
C ILE B 80 -0.45 19.48 -1.75
N ASP B 81 -0.60 20.76 -2.13
CA ASP B 81 -1.11 21.11 -3.46
C ASP B 81 -0.17 20.64 -4.60
N ASP B 82 1.15 20.79 -4.42
CA ASP B 82 2.09 20.28 -5.42
C ASP B 82 1.96 18.77 -5.57
N ASN B 83 1.82 18.08 -4.44
CA ASN B 83 1.72 16.64 -4.44
C ASN B 83 0.40 16.18 -5.11
N PHE B 84 -0.67 16.99 -5.01
CA PHE B 84 -1.90 16.79 -5.71
C PHE B 84 -1.77 16.91 -7.27
N LYS B 85 -1.12 17.97 -7.77
CA LYS B 85 -0.83 18.09 -9.23
C LYS B 85 -0.04 16.88 -9.71
N LYS B 86 0.94 16.47 -8.90
CA LYS B 86 1.74 15.25 -9.18
C LYS B 86 0.84 13.98 -9.31
N ASP B 87 -0.12 13.82 -8.37
CA ASP B 87 -1.03 12.68 -8.37
C ASP B 87 -1.94 12.75 -9.61
N LEU B 88 -2.42 13.95 -9.91
CA LEU B 88 -3.25 14.14 -11.12
C LEU B 88 -2.46 13.76 -12.41
N TYR B 89 -1.24 14.28 -12.55
CA TYR B 89 -0.34 14.00 -13.71
C TYR B 89 -0.03 12.49 -13.85
N ASN B 90 0.18 11.84 -12.71
CA ASN B 90 0.28 10.38 -12.66
C ASN B 90 -0.93 9.67 -13.23
N GLU B 91 -2.15 10.18 -12.99
CA GLU B 91 -3.32 9.56 -13.54
C GLU B 91 -3.43 9.85 -15.03
N CYS B 92 -3.20 11.10 -15.41
CA CYS B 92 -3.20 11.48 -16.84
C CYS B 92 -2.17 10.68 -17.65
N ALA B 93 -1.02 10.37 -17.04
CA ALA B 93 0.06 9.62 -17.71
C ALA B 93 -0.34 8.23 -18.17
N LYS B 94 -1.46 7.70 -17.63
CA LYS B 94 -1.95 6.36 -17.98
C LYS B 94 -2.51 6.29 -19.41
N TYR B 95 -2.90 7.45 -19.96
CA TYR B 95 -3.42 7.54 -21.32
C TYR B 95 -2.24 7.78 -22.26
N SER B 96 -1.88 6.74 -23.00
CA SER B 96 -0.72 6.75 -23.92
C SER B 96 -1.10 6.23 -25.30
N GLY B 97 -0.14 6.33 -26.23
CA GLY B 97 -0.30 5.88 -27.63
C GLY B 97 -1.52 6.48 -28.32
N LEU B 98 -2.51 5.64 -28.63
CA LEU B 98 -3.68 6.13 -29.38
C LEU B 98 -4.68 6.93 -28.53
N GLU B 99 -4.50 6.88 -27.19
CA GLU B 99 -5.27 7.68 -26.27
C GLU B 99 -4.45 8.86 -25.71
N SER B 100 -3.31 9.16 -26.32
CA SER B 100 -2.48 10.33 -25.96
C SER B 100 -3.28 11.59 -25.91
N TRP B 101 -4.25 11.74 -26.83
CA TRP B 101 -5.19 12.90 -26.86
C TRP B 101 -5.99 13.04 -25.60
N LYS B 102 -6.24 11.91 -24.93
CA LYS B 102 -6.99 11.89 -23.69
C LYS B 102 -6.13 12.42 -22.56
N GLY B 103 -4.83 12.11 -22.63
CA GLY B 103 -3.87 12.57 -21.62
C GLY B 103 -3.56 14.04 -21.78
N VAL B 104 -3.64 14.57 -22.99
CA VAL B 104 -3.50 16.03 -23.19
C VAL B 104 -4.71 16.77 -22.56
N ALA B 105 -5.91 16.26 -22.82
CA ALA B 105 -7.13 16.82 -22.27
C ALA B 105 -7.10 16.74 -20.72
N CYS B 106 -6.69 15.59 -20.22
CA CYS B 106 -6.63 15.29 -18.80
C CYS B 106 -5.76 16.31 -18.03
N ARG B 107 -4.53 16.57 -18.55
CA ARG B 107 -3.57 17.50 -17.96
C ARG B 107 -4.05 18.94 -18.07
N LYS B 108 -4.83 19.25 -19.12
CA LYS B 108 -5.51 20.56 -19.24
C LYS B 108 -6.53 20.75 -18.06
N ILE B 109 -7.30 19.71 -17.75
CA ILE B 109 -8.26 19.75 -16.66
C ILE B 109 -7.52 19.67 -15.30
N ALA B 110 -6.39 18.92 -15.23
CA ALA B 110 -5.59 18.83 -14.02
C ALA B 110 -5.03 20.21 -13.60
N ASN B 111 -4.59 20.98 -14.61
CA ASN B 111 -4.03 22.29 -14.38
C ASN B 111 -5.09 23.23 -13.79
N THR B 112 -6.34 23.13 -14.25
CA THR B 112 -7.40 23.99 -13.69
C THR B 112 -7.73 23.62 -12.24
N TYR B 113 -7.66 22.31 -11.90
CA TYR B 113 -7.95 21.86 -10.53
C TYR B 113 -6.87 22.34 -9.59
N TYR B 114 -5.61 22.14 -9.98
CA TYR B 114 -4.46 22.65 -9.22
C TYR B 114 -4.45 24.16 -9.00
N ASP B 115 -4.66 24.91 -10.09
CA ASP B 115 -4.72 26.38 -10.04
C ASP B 115 -5.79 26.82 -9.05
N ALA B 116 -6.98 26.17 -9.09
CA ALA B 116 -8.10 26.50 -8.16
C ALA B 116 -7.70 26.31 -6.71
N VAL B 117 -7.11 25.14 -6.44
CA VAL B 117 -6.68 24.73 -5.14
C VAL B 117 -5.60 25.68 -4.57
N ARG B 118 -4.65 26.10 -5.40
CA ARG B 118 -3.67 27.14 -4.99
C ARG B 118 -4.37 28.46 -4.57
N THR B 119 -5.32 28.94 -5.39
CA THR B 119 -5.89 30.27 -5.14
C THR B 119 -7.00 30.28 -4.06
N PHE B 120 -7.70 29.14 -3.84
CA PHE B 120 -8.86 29.05 -2.93
C PHE B 120 -8.77 28.05 -1.77
N GLY B 121 -7.75 27.19 -1.80
CA GLY B 121 -7.56 26.11 -0.80
C GLY B 121 -7.32 26.61 0.63
N TRP B 122 -6.92 27.86 0.80
CA TRP B 122 -6.67 28.44 2.16
C TRP B 122 -8.00 28.81 2.87
N LEU B 123 -9.09 28.86 2.12
CA LEU B 123 -10.38 29.28 2.65
C LEU B 123 -10.98 28.18 3.54
C ACT C . 4.73 2.39 -2.33
O ACT C . 4.06 2.29 -3.29
OXT ACT C . 4.42 2.00 -1.15
CH3 ACT C . 5.96 3.01 -2.76
S SCN D . -2.94 -1.14 4.79
C SCN D . -1.76 -0.23 4.55
N SCN D . -0.86 0.52 4.40
C ACT E . 5.71 11.97 15.01
O ACT E . 5.89 11.19 14.08
OXT ACT E . 4.57 12.28 15.42
CH3 ACT E . 6.93 12.55 15.64
#